data_7R9F
#
_entry.id   7R9F
#
_cell.length_a   134.466
_cell.length_b   134.466
_cell.length_c   158.130
_cell.angle_alpha   90.000
_cell.angle_beta   90.000
_cell.angle_gamma   120.000
#
_symmetry.space_group_name_H-M   'P 61 2 2'
#
loop_
_entity.id
_entity.type
_entity.pdbx_description
1 polymer 'tRNA pseudouridine synthase 1'
2 polymer "RNA (5'-R(*UP*AP*AP*UP*CP*GP*GP*GP*AP*UP*UP*CP*CP*GP*GP*AP*UP*A)-3')"
3 non-polymer 'SULFATE ION'
#
loop_
_entity_poly.entity_id
_entity_poly.type
_entity_poly.pdbx_seq_one_letter_code
_entity_poly.pdbx_strand_id
1 'polypeptide(L)'
;MSEENLRPAYDDQVNEDVYKRGAQSKLTKARKADFDDEKDKKKDNDKHIDKRPKSGPRLDENGNPLPKEPRLPKRKVAVM
VGYCGTGYHGMQYNPPNPTIESALFKAFVEAGAISKDNSNDLKKNGFMRAARTDKGVHAGGNLISLKMIIEDPDIKQKIN
EKLPEGIRVWDIERVNKAFDCRKMCSSRWYEYLLPTYSLIGPKPGSILYRDIEESKTELPGVLDEDLESKEFWEEFKKDA
NEKFSTEEIEAILAYVPPARDEFDINEELYQKVKKYKQLENAHRRRYRISAAKLAKFRASTSQYLGAHNFHNFTLGKDFK
EPSAIRFMKDIKVSDPFVIGDAQTEWISIKIHGQSFMLHQIRKMVSMATLITRCGCPVERISQAYGQQKINIPKAPALGL
LLEAPVFEGYNKRLEQFGYKAIDFSKYQDEVDKFKMKHIYDKIYKEEVDENVFNAFFSYIDSFNKVTGAQGEETADKSGP
AVQKSIFEFLTAKGIPGLTDAPESNKKIKQRKRMEEEEAASKKAEISSTTQSNEPEVQPEAAAN
;
A
2 'polyribonucleotide' (5UD)AAUCGGGAUUCCGGAUA B
#
# COMPACT_ATOMS: atom_id res chain seq x y z
N LEU A 72 -32.80 16.89 21.34
CA LEU A 72 -32.20 16.77 20.02
C LEU A 72 -32.65 15.50 19.31
N PRO A 73 -32.99 15.61 18.03
CA PRO A 73 -33.42 14.45 17.27
C PRO A 73 -32.25 13.74 16.60
N LYS A 74 -32.53 12.51 16.15
CA LYS A 74 -31.54 11.72 15.43
C LYS A 74 -31.57 12.06 13.95
N ARG A 75 -30.41 12.09 13.32
CA ARG A 75 -30.29 12.43 11.91
C ARG A 75 -29.17 11.61 11.28
N LYS A 76 -29.51 10.81 10.27
CA LYS A 76 -28.50 10.04 9.55
C LYS A 76 -27.60 10.97 8.75
N VAL A 77 -26.33 10.59 8.64
CA VAL A 77 -25.32 11.43 8.00
C VAL A 77 -24.14 10.56 7.61
N ALA A 78 -23.31 11.07 6.71
CA ALA A 78 -22.08 10.43 6.26
C ALA A 78 -20.90 11.33 6.58
N VAL A 79 -19.86 10.76 7.21
CA VAL A 79 -18.67 11.49 7.58
C VAL A 79 -17.53 11.05 6.67
N MET A 80 -16.93 12.02 5.97
CA MET A 80 -15.69 11.83 5.24
C MET A 80 -14.51 12.04 6.17
N VAL A 81 -13.54 11.12 6.11
CA VAL A 81 -12.47 11.07 7.09
C VAL A 81 -11.14 10.78 6.38
N GLY A 82 -10.06 11.19 7.02
CA GLY A 82 -8.73 10.85 6.58
C GLY A 82 -7.87 10.56 7.78
N TYR A 83 -6.90 9.66 7.60
CA TYR A 83 -6.13 9.21 8.75
C TYR A 83 -4.80 8.61 8.31
N CYS A 84 -3.91 8.48 9.30
CA CYS A 84 -2.67 7.74 9.17
C CYS A 84 -2.85 6.37 9.80
N GLY A 85 -2.59 5.32 9.01
CA GLY A 85 -2.85 3.97 9.49
C GLY A 85 -1.84 3.47 10.50
N THR A 86 -0.69 4.13 10.60
CA THR A 86 0.36 3.70 11.53
C THR A 86 -0.08 3.93 12.97
N GLY A 87 0.04 2.90 13.79
CA GLY A 87 -0.38 2.98 15.18
C GLY A 87 -1.81 2.60 15.44
N TYR A 88 -2.47 1.93 14.49
CA TYR A 88 -3.84 1.50 14.65
C TYR A 88 -4.00 0.12 14.04
N HIS A 89 -5.03 -0.60 14.50
CA HIS A 89 -5.29 -1.97 14.05
C HIS A 89 -6.37 -2.04 12.98
N GLY A 90 -6.32 -1.14 12.00
CA GLY A 90 -7.26 -1.16 10.89
C GLY A 90 -8.34 -0.11 11.03
N MET A 91 -9.22 -0.10 10.03
CA MET A 91 -10.34 0.83 10.03
C MET A 91 -11.50 0.30 10.86
N GLN A 92 -11.88 -0.97 10.64
CA GLN A 92 -13.05 -1.53 11.30
C GLN A 92 -12.87 -1.55 12.81
N TYR A 93 -13.96 -1.24 13.52
CA TYR A 93 -13.97 -1.28 14.97
C TYR A 93 -13.75 -2.69 15.47
N ASN A 94 -12.66 -2.91 16.20
CA ASN A 94 -12.31 -4.24 16.73
C ASN A 94 -11.62 -4.06 18.06
N PRO A 95 -12.38 -3.86 19.13
CA PRO A 95 -11.78 -3.71 20.46
C PRO A 95 -11.20 -5.03 20.95
N PRO A 96 -10.26 -4.99 21.91
CA PRO A 96 -9.79 -3.79 22.61
C PRO A 96 -8.64 -3.07 21.88
N ASN A 97 -8.22 -3.62 20.74
CA ASN A 97 -7.12 -3.02 20.00
C ASN A 97 -7.55 -1.67 19.44
N PRO A 98 -6.73 -0.63 19.56
CA PRO A 98 -7.14 0.70 19.08
C PRO A 98 -7.25 0.72 17.56
N THR A 99 -8.38 1.22 17.07
CA THR A 99 -8.66 1.32 15.65
C THR A 99 -9.05 2.74 15.30
N ILE A 100 -9.09 3.03 14.00
CA ILE A 100 -9.50 4.38 13.57
C ILE A 100 -10.94 4.64 13.98
N GLU A 101 -11.81 3.64 13.83
CA GLU A 101 -13.19 3.79 14.24
C GLU A 101 -13.31 4.00 15.75
N SER A 102 -12.49 3.30 16.53
CA SER A 102 -12.50 3.49 17.97
C SER A 102 -12.15 4.93 18.34
N ALA A 103 -11.11 5.48 17.72
CA ALA A 103 -10.72 6.87 18.00
C ALA A 103 -11.79 7.84 17.54
N LEU A 104 -12.43 7.56 16.40
CA LEU A 104 -13.50 8.43 15.92
C LEU A 104 -14.68 8.43 16.87
N PHE A 105 -15.05 7.26 17.37
CA PHE A 105 -16.14 7.17 18.33
C PHE A 105 -15.79 7.89 19.63
N LYS A 106 -14.54 7.73 20.10
CA LYS A 106 -14.11 8.44 21.29
CA LYS A 106 -14.11 8.44 21.29
C LYS A 106 -14.14 9.96 21.09
N ALA A 107 -13.92 10.41 19.86
CA ALA A 107 -13.97 11.84 19.58
C ALA A 107 -15.38 12.35 19.34
N PHE A 108 -16.34 11.45 19.05
CA PHE A 108 -17.71 11.87 18.85
C PHE A 108 -18.42 12.16 20.16
N VAL A 109 -18.09 11.42 21.23
CA VAL A 109 -18.66 11.71 22.54
C VAL A 109 -17.95 12.85 23.24
N GLU A 110 -16.71 13.16 22.85
CA GLU A 110 -16.01 14.33 23.38
C GLU A 110 -16.48 15.62 22.73
N ALA A 111 -17.05 15.55 21.53
CA ALA A 111 -17.61 16.72 20.87
C ALA A 111 -19.11 16.87 21.12
N GLY A 112 -19.80 15.76 21.37
CA GLY A 112 -21.22 15.82 21.71
C GLY A 112 -22.15 15.45 20.58
N ALA A 113 -21.81 14.40 19.83
CA ALA A 113 -22.66 13.94 18.74
C ALA A 113 -23.16 12.51 18.90
N ILE A 114 -22.69 11.78 19.91
CA ILE A 114 -23.12 10.42 20.15
C ILE A 114 -23.71 10.32 21.55
N SER A 115 -24.66 9.40 21.71
CA SER A 115 -25.31 9.19 23.00
C SER A 115 -24.58 8.30 24.02
N LYS A 116 -24.64 6.99 23.81
CA LYS A 116 -23.87 6.01 24.56
C LYS A 116 -24.19 4.61 24.07
N ASP A 117 -24.05 3.61 24.94
CA ASP A 117 -24.41 2.21 24.67
C ASP A 117 -23.64 1.75 23.44
N ASN A 118 -24.29 1.39 22.34
CA ASN A 118 -23.60 0.93 21.14
C ASN A 118 -24.47 1.23 19.92
N SER A 119 -24.15 0.61 18.80
CA SER A 119 -24.89 0.82 17.55
C SER A 119 -24.77 -0.40 16.63
N PHE A 127 -25.06 1.50 10.59
CA PHE A 127 -23.63 1.77 10.49
C PHE A 127 -23.00 0.99 9.35
N MET A 128 -22.00 1.59 8.72
CA MET A 128 -21.29 0.98 7.60
C MET A 128 -20.02 1.78 7.35
N ARG A 129 -19.25 1.35 6.35
CA ARG A 129 -18.02 2.02 5.99
C ARG A 129 -17.67 1.68 4.55
N ALA A 130 -17.02 2.63 3.86
CA ALA A 130 -16.74 2.44 2.44
C ALA A 130 -15.69 1.35 2.23
N ALA A 131 -14.58 1.40 2.98
CA ALA A 131 -13.50 0.44 2.83
C ALA A 131 -13.02 0.01 4.21
N ARG A 132 -12.61 -1.26 4.30
CA ARG A 132 -12.03 -1.81 5.53
C ARG A 132 -10.52 -1.91 5.32
N THR A 133 -9.84 -0.80 5.56
CA THR A 133 -8.39 -0.74 5.36
C THR A 133 -7.69 -1.58 6.42
N ASP A 134 -6.69 -2.35 5.98
CA ASP A 134 -5.98 -3.26 6.87
C ASP A 134 -5.13 -2.49 7.88
N LYS A 135 -4.46 -3.23 8.74
CA LYS A 135 -3.62 -2.64 9.77
C LYS A 135 -2.47 -1.86 9.13
N GLY A 136 -2.26 -0.63 9.60
CA GLY A 136 -1.19 0.21 9.12
C GLY A 136 -1.49 0.98 7.85
N VAL A 137 -2.50 0.59 7.09
CA VAL A 137 -2.82 1.26 5.84
C VAL A 137 -3.47 2.60 6.12
N HIS A 138 -2.98 3.65 5.49
CA HIS A 138 -3.53 4.98 5.67
C HIS A 138 -4.61 5.21 4.62
N ALA A 139 -5.25 6.38 4.68
CA ALA A 139 -6.29 6.72 3.72
C ALA A 139 -6.48 8.22 3.72
N GLY A 140 -6.27 8.84 2.55
CA GLY A 140 -6.64 10.23 2.39
C GLY A 140 -8.14 10.44 2.43
N GLY A 141 -8.91 9.42 2.09
CA GLY A 141 -10.35 9.50 2.08
C GLY A 141 -11.03 8.20 2.46
N ASN A 142 -12.01 8.28 3.35
CA ASN A 142 -12.81 7.13 3.74
C ASN A 142 -14.16 7.64 4.21
N LEU A 143 -15.14 6.75 4.23
CA LEU A 143 -16.52 7.11 4.56
C LEU A 143 -17.04 6.27 5.72
N ILE A 144 -17.76 6.92 6.63
CA ILE A 144 -18.60 6.21 7.58
C ILE A 144 -19.99 6.81 7.51
N SER A 145 -20.98 6.04 7.97
CA SER A 145 -22.38 6.48 7.97
C SER A 145 -22.99 6.17 9.32
N LEU A 146 -23.58 7.18 9.95
CA LEU A 146 -24.20 6.98 11.25
C LEU A 146 -25.17 8.12 11.53
N LYS A 147 -26.01 7.92 12.53
CA LYS A 147 -26.94 8.95 12.99
C LYS A 147 -26.33 9.68 14.18
N MET A 148 -26.31 11.02 14.09
CA MET A 148 -25.73 11.83 15.15
C MET A 148 -26.52 13.13 15.27
N ILE A 149 -26.26 13.85 16.36
CA ILE A 149 -26.90 15.14 16.62
C ILE A 149 -26.16 16.23 15.88
N ILE A 150 -26.53 16.44 14.61
CA ILE A 150 -25.89 17.46 13.77
C ILE A 150 -26.65 18.77 13.90
N GLU A 151 -26.65 19.35 15.09
CA GLU A 151 -27.36 20.60 15.34
C GLU A 151 -26.45 21.78 15.64
N ASP A 152 -25.30 21.55 16.27
CA ASP A 152 -24.39 22.65 16.57
C ASP A 152 -23.76 23.17 15.28
N PRO A 153 -23.70 24.50 15.09
CA PRO A 153 -23.08 25.02 13.86
C PRO A 153 -21.59 24.74 13.77
N ASP A 154 -20.90 24.73 14.90
CA ASP A 154 -19.47 24.42 14.95
C ASP A 154 -19.27 23.08 15.63
N ILE A 155 -19.62 22.00 14.92
CA ILE A 155 -19.49 20.65 15.42
C ILE A 155 -18.23 19.98 14.88
N LYS A 156 -18.00 20.06 13.57
CA LYS A 156 -16.82 19.43 12.96
C LYS A 156 -15.54 19.99 13.55
N GLN A 157 -15.52 21.29 13.86
CA GLN A 157 -14.35 21.87 14.51
C GLN A 157 -14.12 21.23 15.88
N LYS A 158 -15.20 20.97 16.63
CA LYS A 158 -15.06 20.34 17.94
C LYS A 158 -14.55 18.91 17.81
N ILE A 159 -15.07 18.15 16.84
CA ILE A 159 -14.60 16.79 16.63
C ILE A 159 -13.12 16.79 16.25
N ASN A 160 -12.71 17.77 15.43
CA ASN A 160 -11.30 17.83 15.04
C ASN A 160 -10.41 18.27 16.19
N GLU A 161 -10.91 19.12 17.08
CA GLU A 161 -10.14 19.50 18.26
C GLU A 161 -10.04 18.36 19.26
N LYS A 162 -11.04 17.48 19.29
CA LYS A 162 -11.04 16.32 20.19
C LYS A 162 -10.40 15.08 19.56
N LEU A 163 -9.85 15.20 18.35
CA LEU A 163 -9.21 14.11 17.63
C LEU A 163 -7.70 14.30 17.62
N PRO A 164 -6.93 13.21 17.59
CA PRO A 164 -5.48 13.34 17.41
C PRO A 164 -5.14 14.01 16.08
N GLU A 165 -3.90 14.49 15.98
CA GLU A 165 -3.48 15.20 14.79
C GLU A 165 -3.49 14.30 13.55
N GLY A 166 -3.39 12.98 13.74
CA GLY A 166 -3.34 12.02 12.66
C GLY A 166 -4.66 11.54 12.12
N ILE A 167 -5.78 12.08 12.60
CA ILE A 167 -7.11 11.75 12.09
C ILE A 167 -7.89 13.04 11.93
N ARG A 168 -8.46 13.26 10.75
CA ARG A 168 -9.19 14.48 10.45
C ARG A 168 -10.53 14.13 9.82
N VAL A 169 -11.55 14.92 10.17
CA VAL A 169 -12.87 14.84 9.56
C VAL A 169 -12.98 15.98 8.56
N TRP A 170 -13.18 15.65 7.28
CA TRP A 170 -13.15 16.66 6.24
C TRP A 170 -14.45 17.45 6.16
N ASP A 171 -15.58 16.80 6.43
CA ASP A 171 -16.91 17.35 6.17
C ASP A 171 -17.92 16.33 6.68
N ILE A 172 -19.15 16.80 6.92
CA ILE A 172 -20.24 15.92 7.32
C ILE A 172 -21.47 16.25 6.47
N GLU A 173 -21.74 15.42 5.47
CA GLU A 173 -22.85 15.65 4.54
C GLU A 173 -23.94 14.62 4.76
N ARG A 174 -25.20 15.05 4.62
CA ARG A 174 -26.33 14.20 4.90
C ARG A 174 -26.56 13.18 3.78
N VAL A 175 -27.24 12.08 4.14
CA VAL A 175 -27.56 11.00 3.20
C VAL A 175 -28.99 10.56 3.45
N ASN A 176 -29.47 9.66 2.58
CA ASN A 176 -30.80 9.10 2.72
C ASN A 176 -30.73 7.73 3.40
N LYS A 177 -31.92 7.18 3.67
CA LYS A 177 -31.99 5.87 4.31
C LYS A 177 -31.57 4.75 3.36
N ALA A 178 -31.76 4.95 2.05
CA ALA A 178 -31.41 3.92 1.10
C ALA A 178 -29.90 3.75 0.97
N PHE A 179 -29.14 4.81 1.27
CA PHE A 179 -27.70 4.81 1.04
C PHE A 179 -27.00 3.71 1.83
N ASP A 180 -26.30 2.84 1.12
CA ASP A 180 -25.50 1.78 1.72
C ASP A 180 -24.04 2.04 1.35
N CYS A 181 -23.20 2.17 2.38
CA CYS A 181 -21.81 2.55 2.15
C CYS A 181 -21.04 1.46 1.40
N ARG A 182 -21.28 0.19 1.76
CA ARG A 182 -20.56 -0.90 1.13
C ARG A 182 -21.12 -1.22 -0.26
N LYS A 183 -22.44 -1.17 -0.42
CA LYS A 183 -23.05 -1.58 -1.67
C LYS A 183 -22.84 -0.55 -2.78
N MET A 184 -23.11 0.72 -2.47
CA MET A 184 -23.07 1.79 -3.46
C MET A 184 -21.66 2.32 -3.72
N CYS A 185 -20.63 1.61 -3.30
CA CYS A 185 -19.25 2.00 -3.60
C CYS A 185 -18.95 1.60 -5.05
N SER A 186 -18.93 2.60 -5.93
CA SER A 186 -18.75 2.33 -7.35
C SER A 186 -17.32 1.88 -7.65
N SER A 187 -16.34 2.72 -7.34
CA SER A 187 -14.95 2.42 -7.60
C SER A 187 -14.11 2.90 -6.43
N ARG A 188 -12.82 2.58 -6.46
CA ARG A 188 -11.87 2.94 -5.42
C ARG A 188 -10.53 3.32 -6.04
N TRP A 189 -9.95 4.40 -5.54
CA TRP A 189 -8.63 4.88 -5.93
C TRP A 189 -7.66 4.63 -4.77
N TYR A 190 -6.64 3.80 -5.03
CA TYR A 190 -5.58 3.49 -4.09
C TYR A 190 -4.26 4.07 -4.57
N GLU A 191 -3.31 4.24 -3.65
CA GLU A 191 -1.99 4.75 -3.98
C GLU A 191 -0.95 4.01 -3.14
N TYR A 192 0.13 3.58 -3.79
CA TYR A 192 1.21 2.86 -3.12
C TYR A 192 2.53 3.58 -3.36
N LEU A 193 3.21 3.93 -2.27
CA LEU A 193 4.54 4.51 -2.35
C LEU A 193 5.57 3.40 -2.23
N LEU A 194 6.54 3.40 -3.13
CA LEU A 194 7.50 2.30 -3.21
C LEU A 194 8.92 2.83 -3.39
N PRO A 195 9.87 2.46 -2.53
CA PRO A 195 11.25 2.87 -2.77
C PRO A 195 11.83 2.14 -3.96
N THR A 196 12.56 2.88 -4.79
CA THR A 196 13.03 2.33 -6.05
C THR A 196 14.02 1.18 -5.85
N TYR A 197 14.78 1.20 -4.76
CA TYR A 197 15.72 0.10 -4.53
C TYR A 197 15.03 -1.24 -4.36
N SER A 198 13.70 -1.25 -4.23
CA SER A 198 12.96 -2.52 -4.23
C SER A 198 13.08 -3.25 -5.55
N LEU A 199 13.46 -2.55 -6.62
CA LEU A 199 13.56 -3.16 -7.94
C LEU A 199 14.93 -3.78 -8.21
N ILE A 200 15.92 -3.53 -7.35
CA ILE A 200 17.23 -4.14 -7.52
C ILE A 200 17.12 -5.64 -7.31
N GLY A 201 17.82 -6.41 -8.14
CA GLY A 201 17.80 -7.85 -8.07
C GLY A 201 18.35 -8.39 -6.76
N PRO A 202 18.28 -9.71 -6.60
CA PRO A 202 18.73 -10.32 -5.34
C PRO A 202 20.24 -10.23 -5.19
N LYS A 203 20.68 -10.35 -3.95
CA LYS A 203 22.11 -10.29 -3.65
C LYS A 203 22.79 -11.60 -4.00
N PRO A 204 24.05 -11.55 -4.45
CA PRO A 204 24.80 -12.79 -4.67
C PRO A 204 24.98 -13.57 -3.38
N GLY A 205 24.74 -14.88 -3.47
CA GLY A 205 24.75 -15.73 -2.31
C GLY A 205 23.39 -16.01 -1.72
N SER A 206 22.33 -15.43 -2.28
CA SER A 206 20.97 -15.67 -1.83
C SER A 206 20.38 -16.87 -2.55
N ILE A 207 19.36 -17.45 -1.93
CA ILE A 207 18.71 -18.62 -2.53
C ILE A 207 18.05 -18.27 -3.86
N LEU A 208 17.57 -17.02 -4.00
CA LEU A 208 16.91 -16.64 -5.25
C LEU A 208 17.93 -16.33 -6.34
N TYR A 209 19.07 -15.74 -6.00
CA TYR A 209 20.13 -15.54 -6.98
C TYR A 209 20.60 -16.87 -7.54
N ARG A 210 20.98 -17.80 -6.67
CA ARG A 210 21.48 -19.09 -7.13
C ARG A 210 20.43 -19.85 -7.95
N ASP A 211 19.15 -19.63 -7.67
CA ASP A 211 18.10 -20.22 -8.50
C ASP A 211 18.05 -19.54 -9.85
N ILE A 212 18.17 -18.21 -9.89
CA ILE A 212 18.26 -17.51 -11.16
C ILE A 212 19.57 -17.84 -11.86
N GLU A 213 20.63 -18.11 -11.09
CA GLU A 213 21.87 -18.59 -11.67
C GLU A 213 21.69 -20.00 -12.25
N GLU A 214 20.95 -20.85 -11.55
CA GLU A 214 20.65 -22.19 -12.06
C GLU A 214 19.92 -22.13 -13.40
N SER A 215 19.34 -20.99 -13.75
CA SER A 215 18.76 -20.76 -15.06
C SER A 215 19.82 -20.45 -16.12
N LYS A 216 21.09 -20.78 -15.87
CA LYS A 216 22.16 -20.68 -16.87
C LYS A 216 22.08 -21.78 -17.91
N THR A 217 20.99 -22.55 -17.94
CA THR A 217 20.75 -23.56 -18.95
C THR A 217 19.93 -23.00 -20.11
N GLU A 218 18.77 -22.42 -19.79
CA GLU A 218 17.89 -21.81 -20.78
C GLU A 218 18.15 -20.30 -20.76
N LEU A 219 18.85 -19.82 -21.78
CA LEU A 219 19.17 -18.40 -21.89
C LEU A 219 18.11 -17.66 -22.71
N LEU A 223 15.12 -16.31 -21.19
CA LEU A 223 15.12 -15.58 -19.92
C LEU A 223 15.69 -14.16 -20.09
N ASP A 224 16.18 -13.60 -19.00
CA ASP A 224 16.72 -12.24 -18.99
C ASP A 224 18.07 -12.23 -18.29
N GLU A 225 18.86 -11.20 -18.60
CA GLU A 225 20.14 -10.98 -17.93
C GLU A 225 20.14 -9.58 -17.32
N ASP A 226 20.66 -9.48 -16.10
CA ASP A 226 20.63 -8.25 -15.32
C ASP A 226 22.05 -7.69 -15.28
N LEU A 227 22.29 -6.65 -16.09
CA LEU A 227 23.54 -5.92 -16.02
C LEU A 227 23.48 -4.73 -15.08
N GLU A 228 22.27 -4.28 -14.73
CA GLU A 228 22.13 -3.13 -13.83
C GLU A 228 22.49 -3.52 -12.39
N SER A 229 21.79 -4.51 -11.84
CA SER A 229 22.07 -4.96 -10.48
C SER A 229 23.42 -5.65 -10.37
N LYS A 230 23.98 -6.13 -11.48
CA LYS A 230 25.32 -6.69 -11.44
C LYS A 230 26.33 -5.62 -11.02
N GLU A 231 26.26 -4.44 -11.65
CA GLU A 231 27.18 -3.36 -11.29
C GLU A 231 26.87 -2.80 -9.90
N PHE A 232 25.60 -2.84 -9.48
CA PHE A 232 25.24 -2.35 -8.15
C PHE A 232 25.86 -3.21 -7.06
N TRP A 233 25.66 -4.53 -7.13
CA TRP A 233 26.22 -5.42 -6.12
C TRP A 233 27.73 -5.50 -6.23
N GLU A 234 28.29 -5.40 -7.44
CA GLU A 234 29.74 -5.36 -7.57
C GLU A 234 30.32 -4.10 -6.92
N GLU A 235 29.64 -2.96 -7.08
CA GLU A 235 30.10 -1.74 -6.43
C GLU A 235 29.97 -1.84 -4.91
N PHE A 236 28.91 -2.52 -4.43
CA PHE A 236 28.80 -2.72 -2.99
C PHE A 236 29.93 -3.61 -2.47
N LYS A 237 30.26 -4.69 -3.19
CA LYS A 237 31.38 -5.53 -2.80
C LYS A 237 32.70 -4.76 -2.84
N LYS A 238 32.84 -3.85 -3.79
CA LYS A 238 34.01 -2.98 -3.84
C LYS A 238 34.08 -2.09 -2.59
N ASP A 239 32.96 -1.51 -2.20
CA ASP A 239 32.94 -0.62 -1.04
C ASP A 239 33.13 -1.39 0.26
N ALA A 240 32.70 -2.65 0.32
CA ALA A 240 32.82 -3.43 1.54
C ALA A 240 34.27 -3.81 1.81
N ASN A 241 35.01 -4.17 0.76
CA ASN A 241 36.42 -4.51 0.92
C ASN A 241 37.28 -3.30 1.22
N GLU A 242 36.83 -2.10 0.85
CA GLU A 242 37.54 -0.88 1.21
C GLU A 242 37.19 -0.37 2.59
N LYS A 243 36.07 -0.83 3.16
CA LYS A 243 35.65 -0.45 4.51
C LYS A 243 35.87 -1.54 5.53
N PHE A 244 35.88 -2.82 5.12
CA PHE A 244 36.20 -3.95 5.97
C PHE A 244 37.48 -4.61 5.46
N SER A 245 38.04 -5.49 6.29
CA SER A 245 39.32 -6.15 6.00
C SER A 245 39.10 -7.66 6.00
N THR A 246 38.31 -8.14 5.02
CA THR A 246 38.05 -9.57 4.83
C THR A 246 37.58 -10.22 6.14
N GLU A 247 36.54 -9.64 6.74
CA GLU A 247 35.87 -10.24 7.87
C GLU A 247 34.77 -11.15 7.36
N GLU A 248 34.89 -12.45 7.62
CA GLU A 248 33.82 -13.37 7.29
C GLU A 248 32.62 -13.10 8.20
N ILE A 249 31.95 -11.99 7.97
CA ILE A 249 30.81 -11.56 8.79
C ILE A 249 29.53 -12.11 8.18
N GLU A 250 29.65 -13.20 7.44
CA GLU A 250 28.48 -13.95 6.96
C GLU A 250 28.13 -15.06 7.95
N ALA A 251 28.05 -14.69 9.23
CA ALA A 251 27.78 -15.62 10.31
C ALA A 251 27.37 -14.86 11.56
N ILE A 252 26.24 -15.22 12.16
CA ILE A 252 25.75 -14.53 13.35
C ILE A 252 24.82 -15.45 14.12
N LEU A 253 24.16 -14.91 15.14
CA LEU A 253 23.25 -15.69 15.97
C LEU A 253 22.20 -14.80 16.63
N GLU A 267 28.90 -6.69 20.91
CA GLU A 267 30.21 -6.52 21.52
C GLU A 267 31.11 -5.75 20.55
N GLU A 268 31.10 -6.13 19.28
CA GLU A 268 31.92 -5.49 18.26
C GLU A 268 31.77 -6.27 16.98
N LEU A 269 31.70 -7.60 17.08
CA LEU A 269 31.25 -8.42 15.96
C LEU A 269 29.78 -8.15 15.67
N TYR A 270 28.97 -8.01 16.71
CA TYR A 270 27.62 -7.48 16.54
C TYR A 270 27.69 -6.08 15.93
N GLN A 271 28.61 -5.24 16.42
CA GLN A 271 28.75 -3.90 15.86
C GLN A 271 29.29 -3.95 14.44
N LYS A 272 30.17 -4.90 14.14
CA LYS A 272 30.67 -5.04 12.77
C LYS A 272 29.54 -5.42 11.81
N VAL A 273 28.71 -6.39 12.21
CA VAL A 273 27.60 -6.80 11.37
C VAL A 273 26.57 -5.69 11.23
N LYS A 274 26.33 -4.93 12.30
CA LYS A 274 25.40 -3.82 12.22
C LYS A 274 25.90 -2.72 11.29
N LYS A 275 27.20 -2.41 11.36
CA LYS A 275 27.77 -1.42 10.44
C LYS A 275 27.72 -1.92 9.01
N TYR A 276 27.92 -3.23 8.80
CA TYR A 276 27.81 -3.80 7.47
C TYR A 276 26.39 -3.67 6.92
N LYS A 277 25.40 -3.98 7.75
CA LYS A 277 24.00 -3.88 7.33
C LYS A 277 23.62 -2.42 7.06
N GLN A 278 24.11 -1.49 7.88
CA GLN A 278 23.90 -0.07 7.62
C GLN A 278 24.54 0.34 6.30
N LEU A 279 25.70 -0.23 5.98
CA LEU A 279 26.35 0.05 4.71
C LEU A 279 25.48 -0.42 3.54
N GLU A 280 24.93 -1.63 3.64
CA GLU A 280 24.05 -2.13 2.58
C GLU A 280 22.81 -1.26 2.43
N ASN A 281 22.23 -0.85 3.57
CA ASN A 281 21.04 0.00 3.51
C ASN A 281 21.35 1.34 2.87
N ALA A 282 22.50 1.93 3.19
CA ALA A 282 22.87 3.22 2.59
C ALA A 282 23.15 3.07 1.10
N HIS A 283 23.76 1.94 0.71
CA HIS A 283 23.98 1.68 -0.70
C HIS A 283 22.66 1.57 -1.45
N ARG A 284 21.65 0.98 -0.81
CA ARG A 284 20.33 0.93 -1.42
C ARG A 284 19.69 2.31 -1.50
N ARG A 285 19.78 3.09 -0.42
CA ARG A 285 19.16 4.42 -0.41
C ARG A 285 19.83 5.40 -1.35
N ARG A 286 21.09 5.17 -1.72
CA ARG A 286 21.75 6.04 -2.68
C ARG A 286 21.41 5.70 -4.12
N TYR A 287 20.61 4.67 -4.35
CA TYR A 287 20.35 4.19 -5.70
C TYR A 287 19.41 5.14 -6.44
N ARG A 288 19.63 5.23 -7.76
CA ARG A 288 18.78 6.01 -8.65
C ARG A 288 18.33 5.12 -9.79
N ILE A 289 17.01 4.99 -9.94
CA ILE A 289 16.45 4.03 -10.89
C ILE A 289 16.72 4.49 -12.32
N SER A 290 16.93 3.52 -13.21
CA SER A 290 17.12 3.79 -14.63
C SER A 290 15.77 3.90 -15.33
N ALA A 291 15.80 4.18 -16.63
CA ALA A 291 14.56 4.26 -17.39
C ALA A 291 14.08 2.89 -17.85
N ALA A 292 14.99 1.93 -18.04
CA ALA A 292 14.58 0.61 -18.51
C ALA A 292 13.86 -0.16 -17.42
N LYS A 293 14.38 -0.14 -16.19
CA LYS A 293 13.71 -0.81 -15.09
C LYS A 293 12.33 -0.22 -14.84
N LEU A 294 12.24 1.11 -14.85
CA LEU A 294 10.94 1.76 -14.72
C LEU A 294 10.01 1.36 -15.86
N ALA A 295 10.55 1.23 -17.07
CA ALA A 295 9.74 0.80 -18.21
C ALA A 295 9.19 -0.61 -17.99
N LYS A 296 10.02 -1.52 -17.47
CA LYS A 296 9.56 -2.87 -17.20
C LYS A 296 8.49 -2.88 -16.11
N PHE A 297 8.70 -2.09 -15.05
CA PHE A 297 7.71 -2.01 -13.98
C PHE A 297 6.38 -1.49 -14.51
N ARG A 298 6.42 -0.43 -15.32
CA ARG A 298 5.20 0.10 -15.93
C ARG A 298 4.56 -0.88 -16.89
N ALA A 299 5.37 -1.68 -17.59
CA ALA A 299 4.82 -2.71 -18.46
C ALA A 299 4.02 -3.74 -17.67
N SER A 300 4.56 -4.19 -16.54
CA SER A 300 3.83 -5.13 -15.70
C SER A 300 2.55 -4.50 -15.14
N THR A 301 2.68 -3.28 -14.59
CA THR A 301 1.51 -2.58 -14.06
C THR A 301 0.43 -2.42 -15.12
N SER A 302 0.82 -2.11 -16.36
CA SER A 302 -0.15 -2.00 -17.44
C SER A 302 -0.74 -3.36 -17.78
N GLN A 303 0.04 -4.42 -17.67
CA GLN A 303 -0.50 -5.77 -17.85
C GLN A 303 -1.47 -6.16 -16.75
N TYR A 304 -1.53 -5.41 -15.65
CA TYR A 304 -2.58 -5.64 -14.66
C TYR A 304 -3.95 -5.13 -15.11
N LEU A 305 -4.01 -4.28 -16.14
CA LEU A 305 -5.23 -3.59 -16.49
C LEU A 305 -6.27 -4.54 -17.09
N GLY A 306 -7.54 -4.14 -16.99
CA GLY A 306 -8.63 -4.90 -17.59
C GLY A 306 -9.33 -5.79 -16.59
N ALA A 307 -10.20 -6.65 -17.13
CA ALA A 307 -10.98 -7.58 -16.30
C ALA A 307 -10.33 -8.95 -16.36
N HIS A 308 -9.92 -9.47 -15.20
CA HIS A 308 -9.21 -10.73 -15.14
C HIS A 308 -9.61 -11.49 -13.88
N ASN A 309 -9.22 -12.76 -13.85
CA ASN A 309 -9.38 -13.59 -12.67
C ASN A 309 -8.18 -13.39 -11.75
N PHE A 310 -8.42 -12.81 -10.57
CA PHE A 310 -7.37 -12.46 -9.62
C PHE A 310 -7.36 -13.40 -8.42
N HIS A 311 -7.50 -14.70 -8.66
CA HIS A 311 -7.53 -15.65 -7.56
C HIS A 311 -6.16 -15.81 -6.91
N ASN A 312 -5.08 -15.64 -7.69
CA ASN A 312 -3.72 -15.76 -7.17
C ASN A 312 -3.25 -14.50 -6.48
N PHE A 313 -4.07 -13.46 -6.42
CA PHE A 313 -3.74 -12.22 -5.75
C PHE A 313 -4.61 -12.00 -4.51
N THR A 314 -4.97 -13.11 -3.85
CA THR A 314 -5.75 -13.06 -2.62
C THR A 314 -5.62 -14.41 -1.93
N LEU A 315 -5.79 -14.39 -0.61
CA LEU A 315 -5.83 -15.62 0.19
C LEU A 315 -7.28 -16.10 0.22
N GLY A 316 -7.67 -16.81 -0.83
CA GLY A 316 -9.05 -17.21 -0.98
C GLY A 316 -9.20 -18.36 -1.96
N LYS A 317 -10.42 -18.52 -2.46
CA LYS A 317 -10.76 -19.65 -3.31
C LYS A 317 -10.06 -19.53 -4.67
N ASP A 318 -10.05 -20.64 -5.41
CA ASP A 318 -9.27 -20.72 -6.63
C ASP A 318 -10.06 -20.36 -7.89
N PHE A 319 -9.70 -20.99 -9.01
CA PHE A 319 -10.27 -20.65 -10.32
C PHE A 319 -11.80 -20.62 -10.27
N LYS A 320 -12.42 -21.77 -10.01
CA LYS A 320 -13.87 -21.92 -10.05
C LYS A 320 -14.59 -21.18 -8.93
N GLU A 321 -14.11 -19.99 -8.55
CA GLU A 321 -14.80 -19.16 -7.58
C GLU A 321 -15.36 -17.91 -8.26
N PRO A 322 -16.49 -17.39 -7.79
CA PRO A 322 -17.08 -16.19 -8.41
C PRO A 322 -16.22 -14.95 -8.20
N SER A 323 -15.87 -14.66 -6.95
CA SER A 323 -15.25 -13.39 -6.59
C SER A 323 -13.93 -13.12 -7.31
N ALA A 324 -13.26 -14.15 -7.81
CA ALA A 324 -11.90 -13.98 -8.32
C ALA A 324 -11.84 -13.03 -9.50
N ILE A 325 -12.93 -12.86 -10.23
CA ILE A 325 -12.96 -12.01 -11.41
C ILE A 325 -13.19 -10.56 -10.98
N ARG A 326 -12.25 -9.68 -11.33
CA ARG A 326 -12.32 -8.27 -10.98
C ARG A 326 -11.69 -7.44 -12.09
N PHE A 327 -11.95 -6.13 -12.04
CA PHE A 327 -11.69 -5.24 -13.17
C PHE A 327 -10.88 -4.03 -12.72
N MET A 328 -9.74 -3.82 -13.36
CA MET A 328 -8.90 -2.65 -13.16
C MET A 328 -9.12 -1.66 -14.31
N LYS A 329 -9.49 -0.42 -13.95
CA LYS A 329 -9.80 0.61 -14.92
C LYS A 329 -8.60 1.49 -15.27
N ASP A 330 -7.77 1.84 -14.30
CA ASP A 330 -6.60 2.67 -14.56
C ASP A 330 -5.49 2.34 -13.58
N ILE A 331 -4.25 2.48 -14.04
CA ILE A 331 -3.08 2.19 -13.23
C ILE A 331 -1.90 2.96 -13.81
N LYS A 332 -1.20 3.73 -12.97
CA LYS A 332 -0.12 4.59 -13.45
C LYS A 332 1.01 4.64 -12.43
N VAL A 333 2.22 4.35 -12.88
CA VAL A 333 3.43 4.50 -12.07
C VAL A 333 4.04 5.86 -12.39
N SER A 334 4.23 6.69 -11.37
CA SER A 334 4.73 8.04 -11.59
C SER A 334 6.22 8.00 -11.87
N ASP A 335 6.74 9.15 -12.30
CA ASP A 335 8.18 9.29 -12.45
C ASP A 335 8.83 9.28 -11.07
N PRO A 336 10.03 8.73 -10.96
CA PRO A 336 10.69 8.68 -9.65
C PRO A 336 10.99 10.07 -9.12
N PHE A 337 11.06 10.17 -7.79
CA PHE A 337 11.34 11.42 -7.13
C PHE A 337 12.10 11.15 -5.85
N VAL A 338 12.95 12.10 -5.48
CA VAL A 338 13.79 11.98 -4.28
C VAL A 338 13.21 12.92 -3.22
N ILE A 339 12.99 12.37 -2.02
CA ILE A 339 12.39 13.11 -0.92
C ILE A 339 12.99 12.62 0.39
N GLY A 340 13.27 13.56 1.29
CA GLY A 340 13.66 13.22 2.65
C GLY A 340 15.08 13.64 2.96
N ASP A 341 15.43 13.48 4.24
CA ASP A 341 16.79 13.73 4.67
C ASP A 341 17.74 12.67 4.17
N ALA A 342 17.32 11.40 4.18
CA ALA A 342 18.12 10.32 3.64
C ALA A 342 18.17 10.33 2.11
N GLN A 343 17.38 11.17 1.45
CA GLN A 343 17.38 11.30 -0.01
C GLN A 343 17.11 9.96 -0.68
N THR A 344 16.13 9.23 -0.16
CA THR A 344 15.66 8.01 -0.80
C THR A 344 14.79 8.35 -2.01
N GLU A 345 14.82 7.48 -3.01
CA GLU A 345 14.06 7.67 -4.24
C GLU A 345 12.81 6.80 -4.22
N TRP A 346 11.67 7.41 -4.54
CA TRP A 346 10.38 6.77 -4.45
C TRP A 346 9.65 6.82 -5.79
N ILE A 347 8.70 5.91 -5.96
CA ILE A 347 7.74 5.96 -7.05
C ILE A 347 6.34 5.79 -6.47
N SER A 348 5.37 6.43 -7.12
CA SER A 348 3.98 6.40 -6.68
C SER A 348 3.16 5.63 -7.70
N ILE A 349 2.55 4.54 -7.28
CA ILE A 349 1.69 3.72 -8.12
C ILE A 349 0.24 4.04 -7.76
N LYS A 350 -0.48 4.67 -8.68
CA LYS A 350 -1.88 4.98 -8.49
C LYS A 350 -2.73 3.93 -9.19
N ILE A 351 -3.65 3.31 -8.45
CA ILE A 351 -4.48 2.21 -8.94
C ILE A 351 -5.94 2.61 -8.83
N HIS A 352 -6.70 2.32 -9.88
CA HIS A 352 -8.15 2.57 -9.90
C HIS A 352 -8.85 1.25 -10.19
N GLY A 353 -9.78 0.87 -9.31
CA GLY A 353 -10.43 -0.42 -9.44
C GLY A 353 -11.91 -0.35 -9.11
N GLN A 354 -12.63 -1.40 -9.49
CA GLN A 354 -14.05 -1.51 -9.15
C GLN A 354 -14.21 -1.93 -7.70
N SER A 355 -13.78 -3.15 -7.37
CA SER A 355 -13.71 -3.63 -6.00
C SER A 355 -12.39 -4.38 -5.85
N PHE A 356 -12.09 -4.81 -4.62
CA PHE A 356 -10.80 -5.42 -4.34
C PHE A 356 -10.97 -6.57 -3.35
N MET A 357 -10.06 -7.53 -3.45
CA MET A 357 -10.08 -8.71 -2.57
C MET A 357 -9.31 -8.41 -1.28
N LEU A 358 -8.91 -9.47 -0.57
CA LEU A 358 -8.10 -9.34 0.64
C LEU A 358 -6.64 -9.19 0.24
N HIS A 359 -6.04 -8.05 0.60
CA HIS A 359 -4.65 -7.74 0.29
C HIS A 359 -4.36 -7.90 -1.20
N GLN A 360 -5.33 -7.54 -2.04
CA GLN A 360 -5.12 -7.67 -3.48
C GLN A 360 -4.10 -6.66 -3.98
N ILE A 361 -4.18 -5.41 -3.52
CA ILE A 361 -3.25 -4.37 -3.96
C ILE A 361 -1.82 -4.74 -3.62
N ARG A 362 -1.59 -5.19 -2.37
CA ARG A 362 -0.24 -5.52 -1.95
C ARG A 362 0.29 -6.73 -2.70
N LYS A 363 -0.56 -7.72 -2.94
CA LYS A 363 -0.14 -8.88 -3.74
C LYS A 363 0.23 -8.46 -5.16
N MET A 364 -0.55 -7.55 -5.76
CA MET A 364 -0.25 -7.09 -7.11
C MET A 364 1.08 -6.35 -7.16
N VAL A 365 1.29 -5.42 -6.23
CA VAL A 365 2.52 -4.63 -6.22
C VAL A 365 3.72 -5.53 -5.97
N SER A 366 3.58 -6.50 -5.06
CA SER A 366 4.66 -7.43 -4.79
C SER A 366 4.98 -8.29 -6.01
N MET A 367 3.96 -8.76 -6.73
CA MET A 367 4.23 -9.56 -7.92
C MET A 367 4.90 -8.73 -9.01
N ALA A 368 4.47 -7.47 -9.15
CA ALA A 368 5.11 -6.59 -10.13
C ALA A 368 6.58 -6.38 -9.80
N THR A 369 6.89 -6.13 -8.52
CA THR A 369 8.29 -5.95 -8.12
C THR A 369 9.08 -7.24 -8.29
N LEU A 370 8.47 -8.39 -8.01
CA LEU A 370 9.17 -9.66 -8.15
C LEU A 370 9.50 -9.94 -9.61
N ILE A 371 8.56 -9.65 -10.51
CA ILE A 371 8.83 -9.83 -11.94
C ILE A 371 9.93 -8.87 -12.40
N THR A 372 9.85 -7.60 -11.99
CA THR A 372 10.84 -6.62 -12.43
C THR A 372 12.23 -6.94 -11.88
N ARG A 373 12.30 -7.51 -10.68
CA ARG A 373 13.57 -7.75 -10.01
C ARG A 373 14.44 -8.77 -10.75
N CYS A 374 13.99 -10.03 -10.76
CA CYS A 374 14.79 -11.09 -11.35
C CYS A 374 14.91 -10.94 -12.86
N GLY A 375 13.92 -10.34 -13.51
CA GLY A 375 13.90 -10.21 -14.94
C GLY A 375 12.97 -11.17 -15.66
N CYS A 376 12.15 -11.92 -14.93
CA CYS A 376 11.19 -12.85 -15.51
C CYS A 376 10.38 -12.13 -16.59
N PRO A 377 9.95 -12.83 -17.64
CA PRO A 377 9.22 -12.16 -18.72
C PRO A 377 7.96 -11.49 -18.20
N VAL A 378 7.73 -10.25 -18.64
CA VAL A 378 6.57 -9.49 -18.18
C VAL A 378 5.28 -10.25 -18.47
N GLU A 379 5.27 -11.06 -19.54
CA GLU A 379 4.09 -11.85 -19.86
C GLU A 379 3.79 -12.90 -18.81
N ARG A 380 4.76 -13.23 -17.94
CA ARG A 380 4.51 -14.21 -16.89
C ARG A 380 3.47 -13.73 -15.89
N ILE A 381 3.18 -12.43 -15.86
CA ILE A 381 2.10 -11.93 -15.00
C ILE A 381 0.75 -12.39 -15.52
N SER A 382 0.60 -12.44 -16.85
CA SER A 382 -0.66 -12.93 -17.42
C SER A 382 -0.90 -14.39 -17.07
N GLN A 383 0.16 -15.20 -17.05
CA GLN A 383 0.03 -16.60 -16.65
C GLN A 383 -0.40 -16.74 -15.19
N ALA A 384 -0.20 -15.70 -14.37
CA ALA A 384 -0.73 -15.73 -13.01
C ALA A 384 -2.25 -15.74 -13.01
N TYR A 385 -2.88 -15.21 -14.05
CA TYR A 385 -4.29 -15.42 -14.26
C TYR A 385 -4.60 -16.86 -14.65
N GLY A 386 -3.59 -17.64 -15.03
CA GLY A 386 -3.78 -18.96 -15.61
C GLY A 386 -3.78 -20.07 -14.59
N GLN A 387 -3.69 -21.30 -15.11
CA GLN A 387 -3.98 -22.55 -14.39
C GLN A 387 -3.31 -22.66 -13.02
N GLN A 388 -1.99 -22.82 -13.01
CA GLN A 388 -1.28 -23.19 -11.79
C GLN A 388 -1.40 -22.09 -10.74
N LYS A 389 -1.84 -22.47 -9.54
CA LYS A 389 -1.88 -21.53 -8.43
C LYS A 389 -0.48 -21.28 -7.89
N ILE A 390 -0.21 -20.03 -7.55
CA ILE A 390 1.10 -19.62 -7.06
C ILE A 390 0.92 -18.83 -5.76
N ASN A 391 1.95 -18.89 -4.91
CA ASN A 391 1.95 -18.20 -3.63
C ASN A 391 2.81 -16.95 -3.75
N ILE A 392 2.17 -15.80 -3.80
CA ILE A 392 2.85 -14.50 -3.87
C ILE A 392 2.60 -13.76 -2.57
N PRO A 393 3.64 -13.34 -1.85
CA PRO A 393 3.42 -12.67 -0.57
C PRO A 393 3.13 -11.19 -0.77
N LYS A 394 2.18 -10.67 0.01
CA LYS A 394 1.78 -9.28 -0.15
C LYS A 394 2.85 -8.32 0.37
N ALA A 395 2.92 -7.15 -0.25
CA ALA A 395 3.92 -6.15 0.07
C ALA A 395 3.62 -5.52 1.43
N PRO A 396 4.61 -4.83 2.02
CA PRO A 396 4.36 -4.14 3.29
C PRO A 396 3.20 -3.16 3.17
N ALA A 397 2.39 -3.11 4.22
CA ALA A 397 1.23 -2.24 4.23
C ALA A 397 1.60 -0.78 4.46
N LEU A 398 2.87 -0.46 4.69
CA LEU A 398 3.24 0.91 5.04
C LEU A 398 3.03 1.86 3.88
N GLY A 399 3.39 1.44 2.67
CA GLY A 399 3.20 2.31 1.52
C GLY A 399 1.78 2.38 0.99
N LEU A 400 0.88 1.55 1.49
CA LEU A 400 -0.48 1.51 0.96
C LEU A 400 -1.30 2.67 1.51
N LEU A 401 -1.97 3.39 0.61
CA LEU A 401 -2.73 4.57 0.97
C LEU A 401 -3.99 4.59 0.13
N LEU A 402 -5.15 4.57 0.79
CA LEU A 402 -6.43 4.64 0.08
C LEU A 402 -6.69 6.09 -0.29
N GLU A 403 -6.60 6.41 -1.58
CA GLU A 403 -6.81 7.79 -2.03
C GLU A 403 -8.26 8.22 -1.79
N ALA A 404 -9.21 7.51 -2.43
CA ALA A 404 -10.61 7.88 -2.25
C ALA A 404 -11.58 6.83 -2.78
N PRO A 405 -12.72 6.62 -2.12
CA PRO A 405 -13.79 5.81 -2.72
C PRO A 405 -14.68 6.65 -3.62
N VAL A 406 -15.19 6.01 -4.67
CA VAL A 406 -16.08 6.65 -5.63
C VAL A 406 -17.50 6.14 -5.43
N PHE A 407 -18.48 7.01 -5.69
CA PHE A 407 -19.90 6.66 -5.53
C PHE A 407 -20.68 7.16 -6.75
N GLU A 408 -20.36 6.58 -7.92
CA GLU A 408 -21.02 7.00 -9.16
C GLU A 408 -22.49 6.60 -9.16
N GLY A 409 -22.81 5.42 -8.64
CA GLY A 409 -24.20 4.97 -8.64
C GLY A 409 -25.08 5.85 -7.77
N TYR A 410 -24.62 6.17 -6.56
CA TYR A 410 -25.39 7.03 -5.67
C TYR A 410 -25.46 8.46 -6.21
N ASN A 411 -24.45 8.90 -6.95
CA ASN A 411 -24.45 10.26 -7.47
C ASN A 411 -25.48 10.44 -8.57
N LYS A 412 -25.50 9.51 -9.53
CA LYS A 412 -26.42 9.63 -10.66
C LYS A 412 -27.87 9.48 -10.22
N ARG A 413 -28.14 8.55 -9.32
CA ARG A 413 -29.50 8.33 -8.83
C ARG A 413 -29.97 9.42 -7.88
N LEU A 414 -29.14 10.40 -7.57
CA LEU A 414 -29.54 11.49 -6.69
C LEU A 414 -30.41 12.49 -7.45
N GLU A 415 -31.41 13.04 -6.77
CA GLU A 415 -32.34 13.97 -7.39
C GLU A 415 -31.62 15.29 -7.69
N GLN A 416 -32.35 16.20 -8.34
CA GLN A 416 -31.77 17.48 -8.72
C GLN A 416 -31.52 18.37 -7.50
N PHE A 417 -32.35 18.24 -6.47
CA PHE A 417 -32.21 19.06 -5.28
C PHE A 417 -32.60 18.24 -4.07
N GLY A 418 -31.92 18.47 -2.95
CA GLY A 418 -32.26 17.80 -1.71
C GLY A 418 -31.10 17.12 -1.03
N TYR A 419 -30.25 16.44 -1.80
CA TYR A 419 -29.13 15.69 -1.24
C TYR A 419 -27.91 15.88 -2.13
N LYS A 420 -26.79 16.27 -1.52
CA LYS A 420 -25.58 16.56 -2.28
C LYS A 420 -24.86 15.27 -2.67
N ALA A 421 -24.11 15.35 -3.77
CA ALA A 421 -23.36 14.21 -4.27
C ALA A 421 -22.10 13.99 -3.42
N ILE A 422 -21.61 12.76 -3.45
CA ILE A 422 -20.42 12.37 -2.70
C ILE A 422 -19.23 12.46 -3.65
N ASP A 423 -18.56 13.60 -3.63
CA ASP A 423 -17.39 13.86 -4.47
C ASP A 423 -16.23 14.21 -3.55
N PHE A 424 -15.19 13.37 -3.56
CA PHE A 424 -14.03 13.60 -2.73
C PHE A 424 -13.07 14.64 -3.30
N SER A 425 -13.21 14.97 -4.59
CA SER A 425 -12.36 15.99 -5.19
C SER A 425 -12.64 17.39 -4.66
N LYS A 426 -13.70 17.58 -3.89
CA LYS A 426 -14.07 18.86 -3.33
C LYS A 426 -13.27 19.21 -2.07
N TYR A 427 -12.27 18.39 -1.71
CA TYR A 427 -11.46 18.63 -0.52
C TYR A 427 -9.97 18.58 -0.82
N GLN A 428 -9.57 18.64 -2.09
CA GLN A 428 -8.21 18.27 -2.47
C GLN A 428 -7.15 19.11 -1.76
N ASP A 429 -7.48 20.35 -1.39
CA ASP A 429 -6.48 21.21 -0.73
C ASP A 429 -6.13 20.67 0.66
N GLU A 430 -7.12 20.56 1.54
CA GLU A 430 -6.87 20.08 2.88
C GLU A 430 -6.35 18.64 2.87
N VAL A 431 -6.89 17.81 1.97
CA VAL A 431 -6.45 16.42 1.90
C VAL A 431 -5.00 16.35 1.45
N ASP A 432 -4.60 17.20 0.50
CA ASP A 432 -3.21 17.18 0.04
C ASP A 432 -2.27 17.66 1.13
N LYS A 433 -2.66 18.71 1.86
CA LYS A 433 -1.83 19.18 2.96
C LYS A 433 -1.68 18.11 4.04
N PHE A 434 -2.80 17.47 4.42
CA PHE A 434 -2.74 16.43 5.43
C PHE A 434 -1.93 15.24 4.94
N LYS A 435 -2.07 14.87 3.68
CA LYS A 435 -1.24 13.81 3.11
C LYS A 435 0.22 14.15 3.28
N MET A 436 0.67 15.26 2.68
CA MET A 436 2.07 15.66 2.74
C MET A 436 2.60 15.67 4.18
N LYS A 437 1.81 16.18 5.13
CA LYS A 437 2.32 16.33 6.48
C LYS A 437 2.31 15.00 7.25
N HIS A 438 1.17 14.33 7.31
CA HIS A 438 0.97 13.21 8.24
C HIS A 438 1.11 11.83 7.61
N ILE A 439 0.84 11.68 6.31
CA ILE A 439 0.90 10.34 5.72
C ILE A 439 2.25 10.15 5.05
N TYR A 440 2.55 10.98 4.05
CA TYR A 440 3.76 10.79 3.25
C TYR A 440 5.02 10.86 4.11
N ASP A 441 5.14 11.91 4.92
CA ASP A 441 6.32 12.07 5.76
C ASP A 441 6.46 10.91 6.74
N LYS A 442 5.33 10.41 7.26
CA LYS A 442 5.37 9.25 8.13
C LYS A 442 5.86 8.02 7.39
N ILE A 443 5.45 7.85 6.13
CA ILE A 443 5.94 6.73 5.34
C ILE A 443 7.45 6.83 5.14
N TYR A 444 7.94 8.03 4.82
CA TYR A 444 9.38 8.22 4.64
C TYR A 444 10.14 7.89 5.92
N LYS A 445 9.71 8.46 7.05
CA LYS A 445 10.38 8.23 8.32
C LYS A 445 10.35 6.76 8.71
N GLU A 446 9.21 6.10 8.53
CA GLU A 446 9.10 4.69 8.91
C GLU A 446 9.90 3.79 7.97
N GLU A 447 10.04 4.16 6.70
CA GLU A 447 10.95 3.42 5.83
C GLU A 447 12.37 3.54 6.32
N VAL A 448 12.80 4.76 6.65
CA VAL A 448 14.18 4.99 7.06
C VAL A 448 14.48 4.26 8.37
N ASP A 449 13.53 4.27 9.32
CA ASP A 449 13.78 3.73 10.66
C ASP A 449 13.34 2.27 10.76
N GLU A 450 12.03 2.01 10.66
CA GLU A 450 11.49 0.67 10.86
C GLU A 450 11.99 -0.34 9.84
N ASN A 451 12.62 0.13 8.75
CA ASN A 451 13.31 -0.75 7.80
C ASN A 451 12.36 -1.76 7.16
N VAL A 452 11.18 -1.28 6.74
CA VAL A 452 10.14 -2.18 6.28
C VAL A 452 10.51 -2.79 4.92
N PHE A 453 10.88 -1.94 3.96
CA PHE A 453 11.07 -2.43 2.59
C PHE A 453 12.37 -3.21 2.45
N ASN A 454 13.40 -2.85 3.21
CA ASN A 454 14.61 -3.67 3.24
C ASN A 454 14.30 -5.05 3.80
N ALA A 455 13.49 -5.11 4.86
CA ALA A 455 13.11 -6.39 5.45
C ALA A 455 12.38 -7.26 4.43
N PHE A 456 11.44 -6.68 3.70
CA PHE A 456 10.56 -7.47 2.84
C PHE A 456 11.35 -8.21 1.77
N PHE A 457 12.30 -7.54 1.12
CA PHE A 457 13.01 -8.15 0.01
C PHE A 457 14.25 -8.93 0.44
N SER A 458 14.79 -8.65 1.63
CA SER A 458 15.78 -9.55 2.20
C SER A 458 15.16 -10.89 2.59
N TYR A 459 13.83 -10.93 2.78
CA TYR A 459 13.12 -12.16 3.09
C TYR A 459 12.66 -12.89 1.85
N ILE A 460 12.38 -12.17 0.75
CA ILE A 460 11.95 -12.82 -0.48
C ILE A 460 13.05 -13.73 -1.01
N ASP A 461 14.31 -13.31 -0.90
CA ASP A 461 15.43 -14.11 -1.36
C ASP A 461 15.60 -15.40 -0.56
N SER A 462 15.08 -15.46 0.67
CA SER A 462 15.19 -16.63 1.53
C SER A 462 13.79 -17.19 1.78
N PHE A 463 13.37 -18.12 0.92
CA PHE A 463 12.06 -18.76 1.07
C PHE A 463 12.03 -20.11 0.35
N LYS A 484 8.99 -20.72 -2.44
CA LYS A 484 7.64 -21.02 -2.94
C LYS A 484 7.35 -20.22 -4.21
N SER A 485 7.42 -18.89 -4.10
CA SER A 485 7.20 -18.01 -5.24
C SER A 485 8.35 -18.06 -6.25
N ILE A 486 9.45 -18.73 -5.93
CA ILE A 486 10.59 -18.75 -6.83
C ILE A 486 10.27 -19.53 -8.10
N PHE A 487 9.33 -20.49 -8.03
CA PHE A 487 9.03 -21.31 -9.19
C PHE A 487 8.46 -20.49 -10.35
N GLU A 488 7.74 -19.41 -10.04
CA GLU A 488 7.18 -18.58 -11.10
C GLU A 488 8.27 -17.79 -11.82
N PHE A 489 9.13 -17.10 -11.06
CA PHE A 489 10.17 -16.25 -11.62
C PHE A 489 11.51 -16.96 -11.75
N LEU A 490 11.50 -18.25 -12.10
CA LEU A 490 12.73 -19.02 -12.28
C LEU A 490 12.97 -19.37 -13.75
N THR A 491 12.48 -18.53 -14.67
CA THR A 491 12.61 -18.72 -16.11
C THR A 491 11.96 -20.01 -16.59
N ALA A 492 11.08 -20.60 -15.78
CA ALA A 492 10.40 -21.84 -16.13
C ALA A 492 9.23 -22.10 -15.18
N LYS A 493 8.04 -22.34 -15.72
CA LYS A 493 6.87 -22.60 -14.89
C LYS A 493 5.85 -23.47 -15.63
#